data_3LQI
#
_entry.id   3LQI
#
_cell.length_a   48.744
_cell.length_b   90.584
_cell.length_c   125.085
_cell.angle_alpha   90.00
_cell.angle_beta   90.00
_cell.angle_gamma   90.00
#
_symmetry.space_group_name_H-M   'P 21 21 21'
#
loop_
_entity.id
_entity.type
_entity.pdbx_description
1 polymer 'MLL1 PHD3-Bromo'
2 polymer 'Histone H3'
3 non-polymer 'ZINC ION'
4 water water
#
loop_
_entity_poly.entity_id
_entity_poly.type
_entity_poly.pdbx_seq_one_letter_code
_entity_poly.pdbx_strand_id
1 'polypeptide(L)'
;SGNFCPLCDKCYDDDDYESKMMQCGKCDRWVHSKCENLSDEMYEILSNLPESVAYTCVNCTERHPAEWRLALEKELQISL
KQVLTALLNSRTTSHLLRYRQQQPLDLEGVKRKMDQGNYTSVLEFSDDIVKIIQAAINSDGGQPEIKKANSMVKSFFIRQ
MERVFPWFSVKKSRFWEPNKVSS
;
A,B,C
2 'polypeptide(L)' ART(MLY)QTARK R,S,T
#
loop_
_chem_comp.id
_chem_comp.type
_chem_comp.name
_chem_comp.formula
ZN non-polymer 'ZINC ION' 'Zn 2'
#
# COMPACT_ATOMS: atom_id res chain seq x y z
N SER A 1 12.55 -25.47 29.06
CA SER A 1 13.14 -24.10 28.94
C SER A 1 12.65 -23.37 27.69
N GLY A 2 11.90 -24.06 26.84
CA GLY A 2 11.38 -23.41 25.64
C GLY A 2 10.55 -24.32 24.75
N ASN A 3 10.11 -23.79 23.62
CA ASN A 3 9.31 -24.56 22.67
C ASN A 3 9.42 -23.85 21.32
N PHE A 4 8.51 -24.16 20.41
CA PHE A 4 8.55 -23.55 19.08
C PHE A 4 7.22 -22.86 18.77
N CYS A 5 7.29 -21.78 18.00
CA CYS A 5 6.06 -21.08 17.62
C CYS A 5 5.27 -22.07 16.77
N PRO A 6 3.98 -22.29 17.08
CA PRO A 6 3.18 -23.23 16.30
C PRO A 6 2.99 -22.90 14.81
N LEU A 7 3.26 -21.67 14.41
CA LEU A 7 3.10 -21.32 13.01
C LEU A 7 4.36 -21.35 12.17
N CYS A 8 5.42 -20.67 12.60
CA CYS A 8 6.66 -20.64 11.82
C CYS A 8 7.70 -21.66 12.30
N ASP A 9 7.45 -22.24 13.46
CA ASP A 9 8.33 -23.26 14.05
C ASP A 9 9.70 -22.76 14.52
N LYS A 10 9.85 -21.45 14.74
CA LYS A 10 11.12 -20.94 15.24
C LYS A 10 11.13 -21.20 16.74
N CYS A 11 12.30 -21.54 17.28
CA CYS A 11 12.38 -21.82 18.71
C CYS A 11 12.45 -20.55 19.52
N TYR A 12 12.12 -20.66 20.80
CA TYR A 12 12.16 -19.55 21.74
C TYR A 12 12.41 -20.07 23.14
N ASP A 13 12.99 -19.21 23.98
CA ASP A 13 13.26 -19.58 25.37
C ASP A 13 12.14 -19.01 26.24
N ASP A 14 11.69 -19.78 27.23
CA ASP A 14 10.62 -19.35 28.11
C ASP A 14 10.93 -18.07 28.88
N ASP A 15 12.22 -17.81 29.11
CA ASP A 15 12.64 -16.64 29.87
C ASP A 15 13.17 -15.49 29.01
N ASP A 16 12.98 -15.59 27.69
CA ASP A 16 13.45 -14.53 26.81
C ASP A 16 12.29 -13.60 26.51
N TYR A 17 12.37 -12.38 27.04
CA TYR A 17 11.31 -11.39 26.83
C TYR A 17 11.73 -10.30 25.87
N GLU A 18 12.75 -10.59 25.06
CA GLU A 18 13.23 -9.65 24.07
C GLU A 18 12.69 -10.08 22.71
N SER A 19 11.37 -10.22 22.65
CA SER A 19 10.70 -10.63 21.41
C SER A 19 9.27 -10.10 21.41
N LYS A 20 8.61 -10.20 20.26
CA LYS A 20 7.24 -9.73 20.15
C LYS A 20 6.39 -10.96 19.90
N MET A 21 5.81 -11.48 20.97
CA MET A 21 5.00 -12.68 20.89
C MET A 21 3.82 -12.62 21.86
N MET A 22 2.83 -13.45 21.61
CA MET A 22 1.65 -13.52 22.45
C MET A 22 1.54 -14.96 22.94
N GLN A 23 1.11 -15.16 24.18
CA GLN A 23 0.99 -16.52 24.68
C GLN A 23 -0.46 -16.97 24.70
N CYS A 24 -0.72 -18.09 24.02
CA CYS A 24 -2.08 -18.62 23.96
C CYS A 24 -2.52 -19.07 25.34
N GLY A 25 -3.70 -18.60 25.76
CA GLY A 25 -4.21 -18.94 27.06
C GLY A 25 -4.65 -20.38 27.20
N LYS A 26 -4.79 -21.10 26.09
CA LYS A 26 -5.22 -22.48 26.16
C LYS A 26 -4.12 -23.54 26.10
N CYS A 27 -3.18 -23.38 25.18
CA CYS A 27 -2.09 -24.36 25.06
C CYS A 27 -0.76 -23.85 25.62
N ASP A 28 -0.74 -22.60 26.04
CA ASP A 28 0.46 -21.97 26.61
C ASP A 28 1.62 -21.71 25.64
N ARG A 29 1.41 -21.97 24.35
CA ARG A 29 2.46 -21.75 23.36
C ARG A 29 2.57 -20.26 23.03
N TRP A 30 3.77 -19.81 22.66
CA TRP A 30 3.96 -18.41 22.28
C TRP A 30 3.96 -18.33 20.76
N VAL A 31 3.34 -17.29 20.24
CA VAL A 31 3.24 -17.09 18.80
C VAL A 31 3.75 -15.69 18.45
N HIS A 32 4.60 -15.60 17.43
CA HIS A 32 5.14 -14.30 16.99
C HIS A 32 4.05 -13.36 16.49
N SER A 33 4.24 -12.07 16.77
CA SER A 33 3.31 -11.06 16.30
C SER A 33 3.23 -11.16 14.78
N LYS A 34 4.38 -11.36 14.14
CA LYS A 34 4.43 -11.46 12.68
C LYS A 34 3.64 -12.67 12.17
N CYS A 35 3.55 -13.73 12.97
CA CYS A 35 2.84 -14.93 12.54
C CYS A 35 1.32 -14.81 12.58
N GLU A 36 0.83 -13.69 13.11
CA GLU A 36 -0.60 -13.41 13.15
C GLU A 36 -0.83 -12.20 12.25
N ASN A 37 0.21 -11.85 11.49
CA ASN A 37 0.17 -10.72 10.55
C ASN A 37 -0.14 -9.41 11.28
N LEU A 38 0.35 -9.26 12.50
CA LEU A 38 0.12 -8.05 13.28
C LEU A 38 1.27 -7.06 13.19
N SER A 39 0.93 -5.80 12.93
CA SER A 39 1.93 -4.75 12.83
C SER A 39 2.41 -4.44 14.25
N ASP A 40 3.46 -3.62 14.37
CA ASP A 40 3.97 -3.25 15.69
C ASP A 40 2.91 -2.45 16.45
N GLU A 41 2.16 -1.63 15.72
CA GLU A 41 1.10 -0.83 16.35
C GLU A 41 0.06 -1.73 16.98
N MET A 42 -0.39 -2.73 16.23
CA MET A 42 -1.40 -3.66 16.73
C MET A 42 -0.92 -4.49 17.89
N TYR A 43 0.36 -4.85 17.87
CA TYR A 43 0.97 -5.62 18.97
C TYR A 43 0.92 -4.78 20.25
N GLU A 44 1.22 -3.49 20.13
CA GLU A 44 1.19 -2.58 21.29
C GLU A 44 -0.24 -2.49 21.82
N ILE A 45 -1.19 -2.30 20.92
CA ILE A 45 -2.59 -2.19 21.30
C ILE A 45 -3.10 -3.48 21.93
N LEU A 46 -2.68 -4.61 21.39
CA LEU A 46 -3.09 -5.91 21.93
C LEU A 46 -2.58 -6.03 23.35
N SER A 47 -1.34 -5.58 23.57
CA SER A 47 -0.72 -5.65 24.89
C SER A 47 -1.53 -4.84 25.89
N ASN A 48 -2.34 -3.91 25.42
CA ASN A 48 -3.13 -3.08 26.32
C ASN A 48 -4.61 -3.43 26.49
N LEU A 49 -5.07 -4.51 25.86
CA LEU A 49 -6.45 -4.93 26.01
C LEU A 49 -6.63 -5.51 27.42
N PRO A 50 -7.87 -5.58 27.90
CA PRO A 50 -8.13 -6.13 29.24
C PRO A 50 -7.70 -7.59 29.40
N GLU A 51 -7.31 -7.96 30.61
CA GLU A 51 -6.85 -9.32 30.90
C GLU A 51 -7.90 -10.38 30.57
N SER A 52 -9.16 -9.99 30.60
CA SER A 52 -10.26 -10.92 30.30
C SER A 52 -10.32 -11.30 28.82
N VAL A 53 -9.58 -10.58 27.99
CA VAL A 53 -9.55 -10.89 26.56
C VAL A 53 -8.27 -11.68 26.34
N ALA A 54 -8.40 -13.00 26.25
CA ALA A 54 -7.21 -13.83 26.06
C ALA A 54 -6.83 -13.98 24.59
N TYR A 55 -5.52 -14.13 24.35
CA TYR A 55 -5.05 -14.37 23.00
C TYR A 55 -5.22 -15.88 22.84
N THR A 56 -5.60 -16.32 21.65
CA THR A 56 -5.75 -17.75 21.38
C THR A 56 -5.10 -17.97 20.03
N CYS A 57 -4.23 -18.97 19.94
CA CYS A 57 -3.54 -19.26 18.69
C CYS A 57 -4.49 -19.86 17.67
N VAL A 58 -4.02 -20.01 16.43
CA VAL A 58 -4.84 -20.58 15.36
C VAL A 58 -5.35 -21.97 15.69
N ASN A 59 -4.56 -22.75 16.42
CA ASN A 59 -4.94 -24.11 16.78
C ASN A 59 -6.00 -24.19 17.87
N CYS A 60 -5.99 -23.24 18.79
CA CYS A 60 -6.95 -23.25 19.89
C CYS A 60 -8.17 -22.38 19.72
N THR A 61 -8.22 -21.64 18.61
CA THR A 61 -9.36 -20.76 18.35
C THR A 61 -10.47 -21.62 17.72
N GLU A 62 -11.59 -21.73 18.40
CA GLU A 62 -12.71 -22.54 17.88
C GLU A 62 -13.69 -21.72 17.06
N ARG A 63 -13.82 -20.44 17.38
CA ARG A 63 -14.72 -19.56 16.64
C ARG A 63 -13.93 -18.46 15.94
N HIS A 64 -14.11 -18.35 14.63
CA HIS A 64 -13.41 -17.35 13.84
C HIS A 64 -14.39 -16.28 13.39
N PRO A 65 -14.00 -14.99 13.46
CA PRO A 65 -12.70 -14.48 13.93
C PRO A 65 -12.51 -14.66 15.42
N ALA A 66 -11.28 -14.90 15.85
CA ALA A 66 -11.00 -15.07 17.28
C ALA A 66 -11.47 -13.83 18.03
N GLU A 67 -11.91 -14.04 19.27
CA GLU A 67 -12.37 -12.95 20.12
C GLU A 67 -11.34 -11.82 20.25
N TRP A 68 -10.05 -12.17 20.35
CA TRP A 68 -9.03 -11.15 20.49
C TRP A 68 -8.90 -10.28 19.24
N ARG A 69 -9.19 -10.85 18.07
CA ARG A 69 -9.11 -10.10 16.83
C ARG A 69 -10.23 -9.07 16.76
N LEU A 70 -11.40 -9.45 17.26
CA LEU A 70 -12.54 -8.54 17.27
C LEU A 70 -12.28 -7.40 18.24
N ALA A 71 -11.80 -7.74 19.43
CA ALA A 71 -11.51 -6.76 20.46
C ALA A 71 -10.43 -5.78 20.03
N LEU A 72 -9.41 -6.29 19.33
CA LEU A 72 -8.30 -5.48 18.85
C LEU A 72 -8.76 -4.49 17.79
N GLU A 73 -9.55 -4.96 16.85
CA GLU A 73 -10.07 -4.13 15.76
C GLU A 73 -10.91 -2.99 16.34
N LYS A 74 -11.80 -3.33 17.27
CA LYS A 74 -12.68 -2.33 17.88
C LYS A 74 -11.89 -1.35 18.75
N GLU A 75 -10.93 -1.86 19.50
CA GLU A 75 -10.12 -1.02 20.38
C GLU A 75 -9.35 0.04 19.59
N LEU A 76 -8.83 -0.34 18.44
CA LEU A 76 -8.09 0.60 17.60
C LEU A 76 -8.98 1.75 17.12
N GLN A 77 -10.13 1.41 16.56
CA GLN A 77 -11.07 2.44 16.07
C GLN A 77 -11.57 3.32 17.21
N ILE A 78 -11.90 2.70 18.35
CA ILE A 78 -12.37 3.41 19.51
C ILE A 78 -11.33 4.42 19.98
N SER A 79 -10.08 3.96 20.08
CA SER A 79 -8.99 4.81 20.51
C SER A 79 -8.79 6.01 19.59
N LEU A 80 -8.81 5.74 18.29
CA LEU A 80 -8.65 6.79 17.29
C LEU A 80 -9.80 7.79 17.40
N LYS A 81 -11.03 7.28 17.32
CA LYS A 81 -12.21 8.11 17.41
C LYS A 81 -12.18 8.95 18.68
N GLN A 82 -11.66 8.37 19.75
CA GLN A 82 -11.58 9.07 21.02
C GLN A 82 -10.86 10.41 20.82
N VAL A 83 -9.67 10.34 20.23
CA VAL A 83 -8.86 11.53 19.97
C VAL A 83 -9.57 12.50 19.04
N LEU A 84 -10.20 11.98 17.99
CA LEU A 84 -10.89 12.81 17.01
C LEU A 84 -12.11 13.55 17.56
N THR A 85 -12.89 12.90 18.43
CA THR A 85 -14.06 13.57 18.98
C THR A 85 -13.61 14.64 19.96
N ALA A 86 -12.54 14.36 20.70
CA ALA A 86 -12.02 15.33 21.68
C ALA A 86 -11.59 16.61 20.96
N LEU A 87 -11.10 16.47 19.74
CA LEU A 87 -10.67 17.63 18.96
C LEU A 87 -11.88 18.33 18.35
N LEU A 88 -12.82 17.53 17.86
CA LEU A 88 -14.05 18.06 17.26
C LEU A 88 -14.89 18.78 18.29
N ASN A 89 -14.85 18.31 19.53
CA ASN A 89 -15.62 18.90 20.61
C ASN A 89 -14.88 20.04 21.31
N SER A 90 -13.60 20.22 20.97
CA SER A 90 -12.83 21.31 21.56
C SER A 90 -13.17 22.58 20.81
N ARG A 91 -13.73 23.57 21.51
CA ARG A 91 -14.10 24.82 20.88
C ARG A 91 -12.98 25.49 20.10
N THR A 92 -11.86 25.75 20.76
CA THR A 92 -10.72 26.39 20.11
C THR A 92 -10.19 25.65 18.88
N THR A 93 -9.87 24.37 19.02
CA THR A 93 -9.34 23.63 17.88
C THR A 93 -10.40 23.48 16.78
N SER A 94 -11.63 23.18 17.18
CA SER A 94 -12.70 23.03 16.21
C SER A 94 -12.77 24.34 15.42
N HIS A 95 -12.79 25.45 16.16
CA HIS A 95 -12.82 26.78 15.59
C HIS A 95 -11.84 26.90 14.43
N LEU A 96 -10.56 26.75 14.79
CA LEU A 96 -9.43 26.87 13.88
C LEU A 96 -9.20 25.75 12.87
N LEU A 97 -9.58 24.52 13.19
CA LEU A 97 -9.28 23.41 12.29
C LEU A 97 -10.37 22.53 11.69
N ARG A 98 -11.55 22.47 12.29
CA ARG A 98 -12.59 21.61 11.72
C ARG A 98 -12.92 21.94 10.27
N TYR A 99 -13.23 23.21 10.02
CA TYR A 99 -13.56 23.65 8.67
C TYR A 99 -12.53 24.64 8.15
N ARG A 100 -11.96 24.33 6.99
CA ARG A 100 -10.95 25.18 6.38
C ARG A 100 -11.57 26.05 5.29
N GLN A 101 -11.07 27.28 5.16
CA GLN A 101 -11.54 28.27 4.19
C GLN A 101 -12.54 29.22 4.83
N GLN A 103 -4.42 13.84 2.54
CA GLN A 103 -5.37 14.66 1.79
C GLN A 103 -6.38 15.41 2.66
N PRO A 104 -6.65 14.91 3.89
CA PRO A 104 -7.60 15.63 4.72
C PRO A 104 -7.14 17.06 4.93
N LEU A 105 -7.96 18.02 4.53
CA LEU A 105 -7.58 19.41 4.66
C LEU A 105 -7.92 20.00 6.01
N ASP A 106 -8.87 19.40 6.70
CA ASP A 106 -9.29 19.87 8.02
C ASP A 106 -9.86 18.71 8.80
N LEU A 107 -10.17 18.94 10.08
CA LEU A 107 -10.71 17.88 10.93
C LEU A 107 -12.00 17.27 10.41
N GLU A 108 -12.74 18.01 9.58
CA GLU A 108 -13.98 17.49 9.00
C GLU A 108 -13.59 16.44 7.97
N GLY A 109 -12.48 16.68 7.30
CA GLY A 109 -12.00 15.73 6.31
C GLY A 109 -11.51 14.50 7.05
N VAL A 110 -10.93 14.72 8.22
CA VAL A 110 -10.43 13.62 9.03
C VAL A 110 -11.60 12.72 9.44
N LYS A 111 -12.72 13.34 9.76
CA LYS A 111 -13.93 12.61 10.16
C LYS A 111 -14.48 11.77 9.02
N ARG A 112 -14.59 12.36 7.83
CA ARG A 112 -15.12 11.62 6.69
C ARG A 112 -14.27 10.38 6.47
N LYS A 113 -12.96 10.54 6.65
CA LYS A 113 -12.02 9.44 6.48
C LYS A 113 -12.28 8.42 7.59
N MET A 114 -12.40 8.91 8.81
CA MET A 114 -12.67 8.09 9.98
C MET A 114 -13.97 7.30 9.82
N ASP A 115 -15.04 7.99 9.46
CA ASP A 115 -16.35 7.36 9.29
C ASP A 115 -16.36 6.32 8.19
N GLN A 116 -15.59 6.55 7.13
CA GLN A 116 -15.53 5.60 6.03
C GLN A 116 -14.68 4.39 6.38
N GLY A 117 -14.16 4.36 7.60
CA GLY A 117 -13.35 3.24 8.04
C GLY A 117 -11.99 3.14 7.36
N ASN A 118 -11.46 4.27 6.90
CA ASN A 118 -10.19 4.28 6.20
C ASN A 118 -8.95 4.55 7.06
N TYR A 119 -9.12 4.61 8.37
CA TYR A 119 -7.98 4.82 9.26
C TYR A 119 -7.62 3.53 9.98
N THR A 120 -6.38 3.06 9.81
CA THR A 120 -5.91 1.87 10.48
C THR A 120 -4.63 2.18 11.24
N SER A 121 -3.82 3.06 10.66
CA SER A 121 -2.54 3.46 11.23
C SER A 121 -2.58 4.68 12.14
N VAL A 122 -2.06 4.52 13.36
CA VAL A 122 -2.01 5.61 14.32
C VAL A 122 -1.07 6.68 13.74
N LEU A 123 -0.01 6.22 13.10
CA LEU A 123 0.96 7.14 12.50
C LEU A 123 0.31 8.00 11.42
N GLU A 124 -0.50 7.38 10.56
CA GLU A 124 -1.17 8.14 9.50
C GLU A 124 -2.20 9.10 10.07
N PHE A 125 -2.97 8.64 11.04
CA PHE A 125 -3.99 9.44 11.69
C PHE A 125 -3.35 10.67 12.33
N SER A 126 -2.32 10.44 13.14
CA SER A 126 -1.63 11.54 13.80
C SER A 126 -0.96 12.46 12.79
N ASP A 127 -0.37 11.88 11.74
CA ASP A 127 0.27 12.69 10.69
C ASP A 127 -0.75 13.62 10.04
N ASP A 128 -1.95 13.11 9.76
CA ASP A 128 -2.99 13.93 9.12
C ASP A 128 -3.34 15.14 9.98
N ILE A 129 -3.40 14.93 11.28
CA ILE A 129 -3.74 16.00 12.21
C ILE A 129 -2.55 16.94 12.41
N VAL A 130 -1.33 16.39 12.49
CA VAL A 130 -0.16 17.24 12.66
C VAL A 130 -0.05 18.18 11.45
N LYS A 131 -0.34 17.66 10.26
CA LYS A 131 -0.29 18.45 9.03
C LYS A 131 -1.22 19.65 9.13
N ILE A 132 -2.44 19.41 9.61
CA ILE A 132 -3.45 20.44 9.76
C ILE A 132 -3.04 21.48 10.81
N ILE A 133 -2.48 21.01 11.92
CA ILE A 133 -2.04 21.92 12.97
C ILE A 133 -0.86 22.77 12.51
N GLN A 134 0.16 22.11 11.95
CA GLN A 134 1.34 22.83 11.49
C GLN A 134 1.01 23.80 10.35
N ALA A 135 0.00 23.47 9.55
CA ALA A 135 -0.39 24.34 8.46
C ALA A 135 -0.94 25.64 9.03
N ALA A 136 -1.71 25.52 10.11
CA ALA A 136 -2.30 26.68 10.76
C ALA A 136 -1.19 27.52 11.37
N ILE A 137 -0.21 26.86 11.98
CA ILE A 137 0.92 27.55 12.60
C ILE A 137 1.77 28.31 11.58
N ASN A 138 2.05 27.69 10.43
CA ASN A 138 2.85 28.34 9.40
C ASN A 138 2.16 29.58 8.86
N SER A 139 0.84 29.62 8.98
CA SER A 139 0.07 30.77 8.48
C SER A 139 -0.54 31.58 9.61
N ASP A 140 0.16 31.67 10.73
CA ASP A 140 -0.33 32.44 11.87
C ASP A 140 -0.31 33.92 11.53
N GLY A 141 0.52 34.28 10.56
CA GLY A 141 0.64 35.67 10.14
C GLY A 141 1.32 36.55 11.16
N GLY A 142 2.08 35.94 12.06
CA GLY A 142 2.76 36.70 13.09
C GLY A 142 1.77 37.29 14.08
N GLN A 143 0.49 36.94 13.90
CA GLN A 143 -0.56 37.42 14.79
C GLN A 143 -0.40 36.67 16.11
N PRO A 144 -0.07 37.38 17.19
CA PRO A 144 0.11 36.77 18.51
C PRO A 144 -1.03 36.01 19.18
N GLU A 145 -2.28 36.45 19.04
CA GLU A 145 -3.37 35.71 19.69
C GLU A 145 -3.58 34.40 18.95
N ILE A 146 -3.25 34.39 17.66
CA ILE A 146 -3.38 33.19 16.84
C ILE A 146 -2.33 32.18 17.27
N LYS A 147 -1.09 32.65 17.44
CA LYS A 147 0.02 31.81 17.86
C LYS A 147 -0.28 31.14 19.19
N LYS A 148 -0.68 31.94 20.17
CA LYS A 148 -1.00 31.40 21.49
C LYS A 148 -2.04 30.29 21.31
N ALA A 149 -3.05 30.57 20.48
CA ALA A 149 -4.11 29.61 20.23
C ALA A 149 -3.58 28.33 19.59
N ASN A 150 -2.84 28.46 18.49
CA ASN A 150 -2.31 27.29 17.81
C ASN A 150 -1.36 26.49 18.70
N SER A 151 -0.58 27.17 19.52
CA SER A 151 0.35 26.49 20.41
C SER A 151 -0.43 25.69 21.45
N MET A 152 -1.59 26.19 21.83
CA MET A 152 -2.42 25.51 22.81
C MET A 152 -3.05 24.24 22.23
N VAL A 153 -3.59 24.32 21.02
CA VAL A 153 -4.20 23.14 20.43
C VAL A 153 -3.13 22.10 20.13
N LYS A 154 -1.90 22.57 19.94
CA LYS A 154 -0.79 21.67 19.67
C LYS A 154 -0.48 20.83 20.92
N SER A 155 -0.41 21.50 22.07
CA SER A 155 -0.14 20.81 23.32
C SER A 155 -1.29 19.90 23.71
N PHE A 156 -2.51 20.35 23.44
CA PHE A 156 -3.71 19.57 23.75
C PHE A 156 -3.71 18.28 22.93
N PHE A 157 -3.38 18.40 21.65
CA PHE A 157 -3.34 17.23 20.76
C PHE A 157 -2.29 16.24 21.24
N ILE A 158 -1.09 16.74 21.52
CA ILE A 158 0.00 15.90 21.98
C ILE A 158 -0.32 15.16 23.29
N ARG A 159 -1.10 15.80 24.16
CA ARG A 159 -1.48 15.19 25.43
C ARG A 159 -2.55 14.13 25.22
N GLN A 160 -3.48 14.41 24.31
CA GLN A 160 -4.54 13.46 24.00
C GLN A 160 -3.92 12.19 23.40
N MET A 161 -2.94 12.38 22.53
CA MET A 161 -2.26 11.26 21.87
C MET A 161 -1.42 10.45 22.84
N GLU A 162 -0.70 11.12 23.72
CA GLU A 162 0.14 10.39 24.68
C GLU A 162 -0.69 9.59 25.67
N ARG A 163 -1.88 10.08 26.01
CA ARG A 163 -2.73 9.37 26.96
C ARG A 163 -3.38 8.15 26.30
N VAL A 164 -3.87 8.31 25.08
CA VAL A 164 -4.51 7.22 24.36
C VAL A 164 -3.50 6.24 23.76
N PHE A 165 -2.35 6.76 23.34
CA PHE A 165 -1.29 5.94 22.74
C PHE A 165 0.08 6.23 23.35
N PRO A 166 0.31 5.77 24.59
CA PRO A 166 1.57 5.97 25.32
C PRO A 166 2.82 5.48 24.58
N TRP A 167 2.66 4.38 23.85
CA TRP A 167 3.76 3.77 23.10
C TRP A 167 4.11 4.51 21.81
N PHE A 168 3.28 5.48 21.42
CA PHE A 168 3.50 6.21 20.17
C PHE A 168 4.17 7.58 20.33
N SER A 169 5.14 7.85 19.46
CA SER A 169 5.88 9.11 19.50
C SER A 169 5.28 10.20 18.61
N VAL A 170 4.26 10.91 19.10
CA VAL A 170 3.62 11.97 18.32
C VAL A 170 4.57 13.11 18.00
N LYS A 171 5.47 13.39 18.94
CA LYS A 171 6.42 14.48 18.77
C LYS A 171 7.43 14.24 17.65
N LYS A 172 7.55 12.99 17.22
CA LYS A 172 8.49 12.65 16.15
C LYS A 172 7.90 12.80 14.76
N SER A 173 6.64 13.19 14.67
CA SER A 173 5.99 13.35 13.37
C SER A 173 6.77 14.21 12.39
N ARG A 174 6.91 13.68 11.20
CA ARG A 174 7.62 14.31 10.08
C ARG A 174 7.05 15.70 9.77
N PHE A 175 5.78 15.89 10.07
CA PHE A 175 5.13 17.15 9.76
C PHE A 175 5.25 18.34 10.70
N TRP A 176 5.94 18.14 11.82
CA TRP A 176 6.18 19.25 12.75
C TRP A 176 7.31 20.04 12.11
N GLU A 177 7.26 21.37 12.20
CA GLU A 177 8.32 22.19 11.63
C GLU A 177 8.94 23.12 12.66
N SER B 1 -25.22 -2.72 -7.21
CA SER B 1 -23.87 -2.09 -7.25
C SER B 1 -23.28 -1.91 -5.86
N GLY B 2 -23.62 -2.81 -4.94
CA GLY B 2 -23.11 -2.71 -3.59
C GLY B 2 -23.45 -3.91 -2.71
N ASN B 3 -22.85 -3.95 -1.53
CA ASN B 3 -23.09 -5.04 -0.58
C ASN B 3 -22.47 -4.69 0.77
N PHE B 4 -22.39 -5.67 1.66
CA PHE B 4 -21.83 -5.41 2.99
C PHE B 4 -20.57 -6.24 3.31
N CYS B 5 -19.64 -5.63 4.03
CA CYS B 5 -18.45 -6.36 4.44
C CYS B 5 -18.97 -7.37 5.43
N PRO B 6 -18.67 -8.67 5.23
CA PRO B 6 -19.14 -9.73 6.13
C PRO B 6 -18.60 -9.68 7.56
N LEU B 7 -17.58 -8.87 7.79
CA LEU B 7 -17.00 -8.77 9.13
C LEU B 7 -17.56 -7.62 9.97
N CYS B 8 -17.70 -6.44 9.37
CA CYS B 8 -18.22 -5.30 10.12
C CYS B 8 -19.67 -4.98 9.77
N ASP B 9 -20.19 -5.67 8.75
CA ASP B 9 -21.55 -5.49 8.28
C ASP B 9 -21.86 -4.04 7.92
N LYS B 10 -20.91 -3.39 7.25
CA LYS B 10 -21.07 -2.01 6.79
C LYS B 10 -21.10 -2.10 5.27
N CYS B 11 -21.94 -1.30 4.63
CA CYS B 11 -22.05 -1.37 3.17
C CYS B 11 -20.97 -0.62 2.42
N TYR B 12 -20.69 -1.07 1.20
CA TYR B 12 -19.69 -0.45 0.33
C TYR B 12 -20.26 -0.35 -1.07
N ASP B 13 -19.67 0.53 -1.88
CA ASP B 13 -20.12 0.72 -3.26
C ASP B 13 -19.17 0.00 -4.21
N ASP B 14 -19.72 -0.74 -5.16
CA ASP B 14 -18.92 -1.46 -6.15
C ASP B 14 -18.01 -0.56 -6.99
N ASP B 15 -18.30 0.73 -7.04
CA ASP B 15 -17.47 1.65 -7.82
C ASP B 15 -16.57 2.49 -6.93
N ASP B 16 -16.57 2.17 -5.64
CA ASP B 16 -15.75 2.90 -4.68
C ASP B 16 -14.39 2.24 -4.48
N TYR B 17 -13.36 2.82 -5.09
CA TYR B 17 -12.01 2.29 -4.97
C TYR B 17 -11.18 3.19 -4.07
N GLU B 18 -11.86 3.98 -3.24
CA GLU B 18 -11.17 4.88 -2.34
C GLU B 18 -10.84 4.10 -1.06
N SER B 19 -11.49 2.96 -0.92
CA SER B 19 -11.31 2.09 0.25
C SER B 19 -10.20 1.07 0.09
N LYS B 20 -9.83 0.45 1.22
CA LYS B 20 -8.79 -0.56 1.23
C LYS B 20 -9.52 -1.87 1.56
N MET B 21 -9.85 -2.62 0.52
CA MET B 21 -10.59 -3.87 0.69
C MET B 21 -10.08 -5.01 -0.20
N MET B 22 -10.33 -6.25 0.25
CA MET B 22 -9.93 -7.44 -0.51
C MET B 22 -11.20 -8.16 -0.92
N GLN B 23 -11.20 -8.76 -2.11
CA GLN B 23 -12.38 -9.49 -2.56
C GLN B 23 -12.18 -10.99 -2.37
N CYS B 24 -13.06 -11.62 -1.60
CA CYS B 24 -12.96 -13.05 -1.37
C CYS B 24 -13.14 -13.78 -2.70
N GLY B 25 -12.19 -14.66 -3.01
CA GLY B 25 -12.25 -15.39 -4.25
C GLY B 25 -13.35 -16.41 -4.35
N LYS B 26 -14.00 -16.73 -3.23
CA LYS B 26 -15.08 -17.71 -3.24
C LYS B 26 -16.49 -17.14 -3.27
N CYS B 27 -16.75 -16.12 -2.45
CA CYS B 27 -18.09 -15.53 -2.41
C CYS B 27 -18.15 -14.15 -3.06
N ASP B 28 -17.01 -13.68 -3.55
CA ASP B 28 -16.90 -12.39 -4.22
C ASP B 28 -17.26 -11.16 -3.39
N ARG B 29 -17.45 -11.35 -2.08
CA ARG B 29 -17.79 -10.23 -1.20
C ARG B 29 -16.50 -9.45 -0.89
N TRP B 30 -16.60 -8.14 -0.73
CA TRP B 30 -15.41 -7.35 -0.40
C TRP B 30 -15.29 -7.22 1.11
N VAL B 31 -14.06 -7.23 1.62
CA VAL B 31 -13.79 -7.12 3.06
C VAL B 31 -12.74 -6.04 3.35
N HIS B 32 -12.99 -5.17 4.29
CA HIS B 32 -12.13 -4.12 4.62
C HIS B 32 -10.80 -4.66 5.20
N SER B 33 -9.68 -4.09 4.82
CA SER B 33 -8.38 -4.59 5.30
C SER B 33 -8.33 -4.49 6.82
N LYS B 34 -8.87 -3.42 7.38
CA LYS B 34 -8.84 -3.24 8.83
C LYS B 34 -9.62 -4.30 9.58
N CYS B 35 -10.67 -4.83 8.96
CA CYS B 35 -11.50 -5.85 9.61
C CYS B 35 -10.79 -7.19 9.77
N GLU B 36 -9.72 -7.38 9.00
CA GLU B 36 -8.91 -8.59 9.08
C GLU B 36 -7.64 -8.30 9.89
N ASN B 37 -7.65 -7.16 10.58
CA ASN B 37 -6.51 -6.72 11.39
C ASN B 37 -5.27 -6.62 10.51
N LEU B 38 -5.43 -6.08 9.31
CA LEU B 38 -4.29 -5.90 8.40
C LEU B 38 -3.94 -4.44 8.29
N SER B 39 -2.66 -4.11 8.52
CA SER B 39 -2.18 -2.74 8.43
C SER B 39 -2.16 -2.36 6.97
N ASP B 40 -1.95 -1.08 6.68
CA ASP B 40 -1.89 -0.66 5.29
C ASP B 40 -0.71 -1.31 4.56
N GLU B 41 0.35 -1.63 5.29
CA GLU B 41 1.50 -2.29 4.68
C GLU B 41 1.10 -3.69 4.18
N MET B 42 0.43 -4.45 5.04
CA MET B 42 -0.03 -5.80 4.69
C MET B 42 -0.92 -5.75 3.46
N TYR B 43 -1.78 -4.74 3.41
CA TYR B 43 -2.71 -4.55 2.29
C TYR B 43 -1.93 -4.38 1.01
N GLU B 44 -0.87 -3.57 1.05
CA GLU B 44 -0.05 -3.32 -0.12
C GLU B 44 0.65 -4.61 -0.56
N ILE B 45 1.21 -5.32 0.40
CA ILE B 45 1.94 -6.57 0.12
C ILE B 45 0.99 -7.63 -0.44
N LEU B 46 -0.25 -7.62 0.05
CA LEU B 46 -1.26 -8.55 -0.40
C LEU B 46 -1.49 -8.32 -1.89
N SER B 47 -1.64 -7.05 -2.26
CA SER B 47 -1.86 -6.66 -3.65
C SER B 47 -0.70 -7.14 -4.54
N ASN B 48 0.39 -7.55 -3.91
CA ASN B 48 1.58 -8.01 -4.65
C ASN B 48 1.77 -9.52 -4.75
N LEU B 49 0.99 -10.31 -4.02
CA LEU B 49 1.12 -11.75 -4.07
C LEU B 49 0.69 -12.28 -5.44
N PRO B 50 0.94 -13.58 -5.70
CA PRO B 50 0.56 -14.19 -6.99
C PRO B 50 -0.95 -14.25 -7.14
N GLU B 51 -1.43 -14.19 -8.38
CA GLU B 51 -2.86 -14.25 -8.64
C GLU B 51 -3.48 -15.51 -8.05
N SER B 52 -2.73 -16.61 -8.10
CA SER B 52 -3.20 -17.89 -7.60
C SER B 52 -3.46 -17.91 -6.10
N VAL B 53 -2.86 -16.98 -5.37
CA VAL B 53 -3.07 -16.92 -3.92
C VAL B 53 -4.25 -16.00 -3.68
N ALA B 54 -5.43 -16.59 -3.56
CA ALA B 54 -6.63 -15.81 -3.36
C ALA B 54 -6.88 -15.42 -1.91
N TYR B 55 -7.55 -14.29 -1.74
CA TYR B 55 -7.91 -13.86 -0.41
C TYR B 55 -9.22 -14.60 -0.19
N THR B 56 -9.46 -15.03 1.04
CA THR B 56 -10.71 -15.72 1.38
C THR B 56 -11.22 -15.13 2.70
N CYS B 57 -12.48 -14.72 2.72
CA CYS B 57 -13.03 -14.15 3.95
C CYS B 57 -13.06 -15.26 5.00
N VAL B 58 -13.33 -14.89 6.24
CA VAL B 58 -13.35 -15.86 7.33
C VAL B 58 -14.32 -17.03 7.13
N ASN B 59 -15.53 -16.75 6.66
CA ASN B 59 -16.53 -17.79 6.45
C ASN B 59 -16.18 -18.79 5.35
N CYS B 60 -15.53 -18.32 4.30
CA CYS B 60 -15.16 -19.20 3.18
C CYS B 60 -13.82 -19.90 3.39
N THR B 61 -13.10 -19.49 4.41
CA THR B 61 -11.81 -20.08 4.70
C THR B 61 -11.97 -21.49 5.22
N GLU B 62 -11.51 -22.44 4.41
CA GLU B 62 -11.57 -23.86 4.74
C GLU B 62 -10.76 -24.21 5.97
N ARG B 63 -9.47 -23.93 5.91
CA ARG B 63 -8.59 -24.24 7.02
C ARG B 63 -7.83 -23.02 7.54
N HIS B 64 -7.64 -22.98 8.85
CA HIS B 64 -6.94 -21.91 9.52
C HIS B 64 -5.57 -22.39 9.97
N PRO B 65 -4.53 -21.56 9.78
CA PRO B 65 -4.61 -20.22 9.19
C PRO B 65 -4.79 -20.28 7.68
N ALA B 66 -5.47 -19.26 7.13
CA ALA B 66 -5.70 -19.21 5.70
C ALA B 66 -4.41 -19.17 4.90
N GLU B 67 -4.45 -19.72 3.69
CA GLU B 67 -3.31 -19.75 2.80
C GLU B 67 -2.74 -18.34 2.60
N TRP B 68 -3.61 -17.37 2.36
CA TRP B 68 -3.13 -16.02 2.13
C TRP B 68 -2.40 -15.39 3.32
N ARG B 69 -2.74 -15.79 4.56
CA ARG B 69 -2.05 -15.24 5.72
C ARG B 69 -0.63 -15.80 5.81
N LEU B 70 -0.46 -17.07 5.46
CA LEU B 70 0.86 -17.70 5.49
C LEU B 70 1.75 -17.09 4.41
N ALA B 71 1.16 -16.87 3.22
CA ALA B 71 1.89 -16.30 2.11
C ALA B 71 2.31 -14.86 2.43
N LEU B 72 1.43 -14.13 3.10
CA LEU B 72 1.69 -12.75 3.47
C LEU B 72 2.83 -12.69 4.50
N GLU B 73 2.78 -13.57 5.51
CA GLU B 73 3.81 -13.61 6.54
C GLU B 73 5.17 -13.91 5.90
N LYS B 74 5.20 -14.87 4.99
CA LYS B 74 6.47 -15.22 4.33
C LYS B 74 6.98 -14.15 3.38
N GLU B 75 6.08 -13.53 2.62
CA GLU B 75 6.48 -12.49 1.69
C GLU B 75 7.15 -11.34 2.43
N LEU B 76 6.58 -10.95 3.57
CA LEU B 76 7.17 -9.85 4.33
C LEU B 76 8.59 -10.20 4.80
N GLN B 77 8.76 -11.37 5.41
CA GLN B 77 10.08 -11.76 5.88
C GLN B 77 11.11 -11.89 4.76
N ILE B 78 10.73 -12.57 3.68
CA ILE B 78 11.63 -12.74 2.54
C ILE B 78 12.11 -11.38 2.03
N SER B 79 11.17 -10.44 1.93
CA SER B 79 11.47 -9.09 1.44
C SER B 79 12.41 -8.32 2.36
N LEU B 80 12.14 -8.35 3.66
CA LEU B 80 13.00 -7.66 4.61
C LEU B 80 14.41 -8.25 4.49
N LYS B 81 14.49 -9.58 4.38
CA LYS B 81 15.78 -10.25 4.26
C LYS B 81 16.50 -9.84 2.98
N GLN B 82 15.76 -9.66 1.90
CA GLN B 82 16.34 -9.21 0.63
C GLN B 82 17.14 -7.93 0.85
N VAL B 83 16.52 -6.96 1.53
CA VAL B 83 17.18 -5.69 1.80
C VAL B 83 18.37 -5.85 2.73
N LEU B 84 18.16 -6.49 3.88
CA LEU B 84 19.26 -6.67 4.82
C LEU B 84 20.44 -7.37 4.13
N THR B 85 20.17 -8.45 3.40
CA THR B 85 21.24 -9.17 2.72
C THR B 85 21.99 -8.28 1.74
N ALA B 86 21.27 -7.42 1.04
CA ALA B 86 21.92 -6.52 0.10
C ALA B 86 22.85 -5.58 0.87
N LEU B 87 22.43 -5.17 2.06
CA LEU B 87 23.22 -4.27 2.88
C LEU B 87 24.48 -4.96 3.39
N LEU B 88 24.31 -6.15 3.96
CA LEU B 88 25.45 -6.92 4.50
C LEU B 88 26.46 -7.33 3.43
N ASN B 89 26.00 -7.51 2.19
CA ASN B 89 26.90 -7.90 1.11
C ASN B 89 27.63 -6.71 0.51
N SER B 90 27.17 -5.50 0.85
CA SER B 90 27.82 -4.29 0.37
C SER B 90 28.95 -4.06 1.36
N ARG B 91 30.17 -4.39 0.97
CA ARG B 91 31.31 -4.25 1.86
C ARG B 91 31.49 -2.86 2.46
N THR B 92 31.19 -1.82 1.70
CA THR B 92 31.31 -0.46 2.22
C THR B 92 30.29 -0.28 3.34
N THR B 93 29.05 -0.65 3.07
CA THR B 93 27.97 -0.54 4.03
C THR B 93 28.30 -1.42 5.23
N SER B 94 28.68 -2.65 4.93
CA SER B 94 29.03 -3.63 5.97
C SER B 94 30.19 -3.09 6.80
N HIS B 95 31.18 -2.51 6.12
CA HIS B 95 32.34 -1.96 6.79
C HIS B 95 31.96 -0.94 7.86
N LEU B 96 31.23 0.09 7.45
CA LEU B 96 30.81 1.16 8.35
C LEU B 96 29.67 0.87 9.33
N LEU B 97 28.82 -0.12 9.04
CA LEU B 97 27.68 -0.35 9.91
C LEU B 97 27.37 -1.75 10.45
N ARG B 98 28.06 -2.79 9.98
CA ARG B 98 27.74 -4.12 10.48
C ARG B 98 28.00 -4.28 11.97
N TYR B 99 29.22 -4.02 12.39
CA TYR B 99 29.58 -4.14 13.80
C TYR B 99 29.96 -2.73 14.26
N ARG B 100 29.23 -2.20 15.22
CA ARG B 100 29.50 -0.85 15.71
C ARG B 100 30.87 -0.77 16.37
N GLN B 101 31.40 0.44 16.45
CA GLN B 101 32.72 0.67 17.03
C GLN B 101 32.86 2.08 17.60
N GLN B 103 16.40 0.05 18.64
CA GLN B 103 17.19 -0.56 19.72
C GLN B 103 18.48 -1.26 19.27
N PRO B 104 18.48 -1.81 18.05
CA PRO B 104 19.71 -2.45 17.58
C PRO B 104 20.63 -1.29 17.11
N LEU B 105 21.92 -1.37 17.39
CA LEU B 105 22.80 -0.27 17.02
C LEU B 105 23.65 -0.47 15.78
N ASP B 106 23.60 -1.67 15.22
CA ASP B 106 24.35 -1.97 14.01
C ASP B 106 23.60 -3.00 13.16
N LEU B 107 24.04 -3.17 11.93
CA LEU B 107 23.40 -4.11 11.02
C LEU B 107 23.41 -5.53 11.58
N GLU B 108 24.43 -5.85 12.37
CA GLU B 108 24.52 -7.17 12.99
C GLU B 108 23.34 -7.32 13.96
N GLY B 109 23.02 -6.22 14.64
CA GLY B 109 21.92 -6.23 15.58
C GLY B 109 20.58 -6.37 14.87
N VAL B 110 20.48 -5.77 13.69
CA VAL B 110 19.26 -5.84 12.89
C VAL B 110 19.08 -7.30 12.47
N LYS B 111 20.17 -7.90 12.02
CA LYS B 111 20.17 -9.29 11.59
C LYS B 111 19.65 -10.19 12.70
N ARG B 112 20.19 -10.00 13.89
CA ARG B 112 19.82 -10.77 15.06
C ARG B 112 18.33 -10.59 15.35
N LYS B 113 17.87 -9.35 15.34
CA LYS B 113 16.47 -9.07 15.59
C LYS B 113 15.60 -9.74 14.52
N MET B 114 16.14 -9.85 13.31
CA MET B 114 15.38 -10.46 12.22
C MET B 114 15.34 -11.98 12.35
N ASP B 115 16.46 -12.58 12.69
CA ASP B 115 16.55 -14.03 12.85
C ASP B 115 15.59 -14.59 13.87
N GLN B 116 15.41 -13.88 14.98
CA GLN B 116 14.50 -14.34 16.03
C GLN B 116 13.04 -14.10 15.67
N GLY B 117 12.81 -13.47 14.51
CA GLY B 117 11.47 -13.22 14.02
C GLY B 117 10.75 -12.05 14.67
N ASN B 118 11.49 -11.01 15.02
CA ASN B 118 10.88 -9.85 15.67
C ASN B 118 10.66 -8.61 14.81
N TYR B 119 10.82 -8.73 13.50
CA TYR B 119 10.53 -7.60 12.61
C TYR B 119 9.15 -7.91 12.10
N THR B 120 8.19 -7.08 12.46
CA THR B 120 6.82 -7.33 12.07
C THR B 120 6.21 -6.26 11.16
N SER B 121 7.03 -5.32 10.72
CA SER B 121 6.58 -4.27 9.82
C SER B 121 7.75 -3.70 9.06
N VAL B 122 7.49 -3.16 7.88
CA VAL B 122 8.55 -2.54 7.08
C VAL B 122 8.96 -1.25 7.82
N LEU B 123 7.99 -0.57 8.43
CA LEU B 123 8.27 0.67 9.15
C LEU B 123 9.35 0.50 10.23
N GLU B 124 9.17 -0.50 11.09
CA GLU B 124 10.13 -0.75 12.16
C GLU B 124 11.51 -1.08 11.60
N PHE B 125 11.55 -1.94 10.58
CA PHE B 125 12.81 -2.32 9.94
C PHE B 125 13.49 -1.07 9.38
N SER B 126 12.76 -0.35 8.54
CA SER B 126 13.26 0.87 7.92
C SER B 126 13.75 1.88 8.98
N ASP B 127 12.90 2.19 9.96
CA ASP B 127 13.27 3.14 11.01
C ASP B 127 14.54 2.72 11.75
N ASP B 128 14.66 1.43 12.07
CA ASP B 128 15.84 0.92 12.77
C ASP B 128 17.11 1.23 11.96
N ILE B 129 17.06 0.95 10.66
CA ILE B 129 18.22 1.20 9.81
C ILE B 129 18.47 2.69 9.59
N VAL B 130 17.40 3.47 9.43
CA VAL B 130 17.53 4.91 9.23
C VAL B 130 18.24 5.49 10.45
N LYS B 131 17.84 5.06 11.64
CA LYS B 131 18.44 5.54 12.88
C LYS B 131 19.94 5.24 12.90
N ILE B 132 20.29 4.05 12.44
CA ILE B 132 21.69 3.63 12.39
C ILE B 132 22.50 4.50 11.43
N ILE B 133 21.96 4.73 10.24
CA ILE B 133 22.65 5.54 9.24
C ILE B 133 22.72 7.00 9.68
N GLN B 134 21.62 7.53 10.18
CA GLN B 134 21.60 8.92 10.61
C GLN B 134 22.57 9.11 11.78
N ALA B 135 22.71 8.08 12.61
CA ALA B 135 23.61 8.15 13.75
C ALA B 135 25.07 8.26 13.26
N ALA B 136 25.38 7.59 12.15
CA ALA B 136 26.73 7.62 11.59
C ALA B 136 27.00 8.99 10.97
N ILE B 137 25.98 9.56 10.34
CA ILE B 137 26.08 10.88 9.73
C ILE B 137 26.28 11.95 10.82
N ASN B 138 25.57 11.80 11.93
CA ASN B 138 25.66 12.75 13.05
C ASN B 138 27.01 12.70 13.76
N SER B 139 27.77 11.63 13.52
CA SER B 139 29.08 11.51 14.15
C SER B 139 30.17 11.32 13.10
N ASP B 140 30.04 12.02 11.97
CA ASP B 140 31.04 11.91 10.91
C ASP B 140 32.29 12.74 11.22
N GLY B 141 32.31 13.35 12.40
CA GLY B 141 33.45 14.15 12.82
C GLY B 141 33.82 15.29 11.89
N GLY B 142 32.92 15.63 10.98
CA GLY B 142 33.18 16.69 10.04
C GLY B 142 34.21 16.30 8.99
N GLN B 143 34.50 15.01 8.87
CA GLN B 143 35.46 14.53 7.88
C GLN B 143 34.79 14.33 6.53
N PRO B 144 35.25 15.05 5.49
CA PRO B 144 34.69 14.95 4.14
C PRO B 144 34.66 13.55 3.53
N GLU B 145 35.69 12.75 3.79
CA GLU B 145 35.74 11.40 3.25
C GLU B 145 34.67 10.49 3.83
N ILE B 146 34.44 10.57 5.14
CA ILE B 146 33.42 9.71 5.72
C ILE B 146 32.02 10.22 5.38
N LYS B 147 31.91 11.52 5.14
CA LYS B 147 30.63 12.10 4.75
C LYS B 147 30.25 11.49 3.40
N LYS B 148 31.27 11.19 2.61
CA LYS B 148 31.07 10.60 1.29
C LYS B 148 30.66 9.15 1.43
N ALA B 149 31.34 8.43 2.33
CA ALA B 149 31.02 7.02 2.55
C ALA B 149 29.61 6.91 3.12
N ASN B 150 29.24 7.85 4.00
CA ASN B 150 27.91 7.84 4.59
C ASN B 150 26.82 8.17 3.57
N SER B 151 27.12 9.11 2.68
CA SER B 151 26.16 9.49 1.65
C SER B 151 25.96 8.35 0.68
N MET B 152 27.03 7.60 0.41
CA MET B 152 26.93 6.46 -0.50
C MET B 152 26.08 5.35 0.11
N VAL B 153 26.28 5.11 1.41
CA VAL B 153 25.52 4.08 2.11
C VAL B 153 24.05 4.47 2.19
N LYS B 154 23.78 5.74 2.46
CA LYS B 154 22.40 6.22 2.56
C LYS B 154 21.69 6.03 1.23
N SER B 155 22.37 6.36 0.15
CA SER B 155 21.79 6.21 -1.19
C SER B 155 21.58 4.74 -1.50
N PHE B 156 22.53 3.90 -1.12
CA PHE B 156 22.43 2.47 -1.37
C PHE B 156 21.21 1.91 -0.65
N PHE B 157 21.12 2.19 0.65
CA PHE B 157 20.01 1.74 1.47
C PHE B 157 18.67 2.16 0.86
N ILE B 158 18.55 3.42 0.49
CA ILE B 158 17.30 3.91 -0.09
C ILE B 158 16.98 3.18 -1.40
N ARG B 159 17.99 2.99 -2.24
CA ARG B 159 17.79 2.31 -3.51
C ARG B 159 17.27 0.89 -3.30
N GLN B 160 17.88 0.15 -2.37
CA GLN B 160 17.46 -1.22 -2.10
C GLN B 160 16.03 -1.25 -1.54
N MET B 161 15.73 -0.35 -0.61
CA MET B 161 14.41 -0.28 -0.02
C MET B 161 13.32 -0.01 -1.05
N GLU B 162 13.55 0.95 -1.94
CA GLU B 162 12.57 1.28 -2.96
C GLU B 162 12.44 0.18 -4.02
N ARG B 163 13.50 -0.58 -4.24
CA ARG B 163 13.45 -1.68 -5.21
C ARG B 163 12.60 -2.83 -4.64
N VAL B 164 12.81 -3.17 -3.39
CA VAL B 164 12.09 -4.26 -2.74
C VAL B 164 10.70 -3.84 -2.26
N PHE B 165 10.59 -2.60 -1.79
CA PHE B 165 9.33 -2.05 -1.31
C PHE B 165 9.04 -0.75 -2.05
N PRO B 166 8.70 -0.83 -3.35
CA PRO B 166 8.40 0.37 -4.15
C PRO B 166 7.22 1.21 -3.65
N TRP B 167 6.31 0.58 -2.93
CA TRP B 167 5.12 1.24 -2.39
C TRP B 167 5.38 1.95 -1.05
N PHE B 168 6.54 1.68 -0.45
CA PHE B 168 6.91 2.27 0.84
C PHE B 168 7.88 3.44 0.72
N SER B 169 7.63 4.50 1.46
CA SER B 169 8.52 5.66 1.41
C SER B 169 9.54 5.68 2.54
N VAL B 170 10.79 5.38 2.20
CA VAL B 170 11.89 5.41 3.17
C VAL B 170 12.28 6.86 3.41
N LYS B 171 12.18 7.67 2.35
CA LYS B 171 12.53 9.08 2.44
C LYS B 171 11.73 9.83 3.49
N LYS B 172 10.51 9.38 3.75
CA LYS B 172 9.66 10.03 4.75
C LYS B 172 9.92 9.59 6.18
N SER B 173 10.94 8.76 6.40
CA SER B 173 11.23 8.32 7.76
C SER B 173 11.38 9.50 8.71
N ARG B 174 10.77 9.39 9.87
CA ARG B 174 10.83 10.43 10.89
C ARG B 174 12.23 10.55 11.46
N PHE B 175 13.08 9.56 11.17
CA PHE B 175 14.41 9.57 11.74
C PHE B 175 15.56 10.11 10.88
N TRP B 176 15.23 10.62 9.71
CA TRP B 176 16.24 11.24 8.85
C TRP B 176 16.29 12.67 9.38
N GLU B 177 17.36 13.38 9.05
CA GLU B 177 17.44 14.76 9.47
C GLU B 177 17.76 15.64 8.28
N PRO B 178 17.11 16.80 8.18
CA PRO B 178 17.37 17.70 7.05
C PRO B 178 18.76 18.32 7.15
N SER C 1 -37.16 -2.54 -24.33
CA SER C 1 -36.94 -2.54 -22.86
C SER C 1 -35.76 -3.39 -22.43
N GLY C 2 -35.59 -4.55 -23.08
CA GLY C 2 -34.48 -5.41 -22.72
C GLY C 2 -34.36 -6.72 -23.49
N ASN C 3 -33.29 -7.45 -23.20
CA ASN C 3 -33.02 -8.74 -23.84
C ASN C 3 -32.13 -9.56 -22.90
N PHE C 4 -31.35 -10.49 -23.45
CA PHE C 4 -30.47 -11.32 -22.62
C PHE C 4 -29.10 -11.50 -23.27
N CYS C 5 -28.07 -11.62 -22.44
CA CYS C 5 -26.71 -11.83 -22.93
C CYS C 5 -26.58 -13.28 -23.37
N PRO C 6 -26.22 -13.51 -24.64
CA PRO C 6 -26.08 -14.86 -25.19
C PRO C 6 -25.06 -15.76 -24.51
N LEU C 7 -24.14 -15.17 -23.77
CA LEU C 7 -23.11 -15.97 -23.10
C LEU C 7 -23.46 -16.46 -21.70
N CYS C 8 -24.20 -15.67 -20.94
CA CYS C 8 -24.55 -16.09 -19.59
C CYS C 8 -26.05 -16.31 -19.38
N ASP C 9 -26.84 -15.99 -20.39
CA ASP C 9 -28.30 -16.15 -20.33
C ASP C 9 -28.94 -15.33 -19.21
N LYS C 10 -28.40 -14.13 -18.98
CA LYS C 10 -28.91 -13.21 -17.98
C LYS C 10 -29.44 -11.98 -18.69
N CYS C 11 -30.55 -11.45 -18.18
CA CYS C 11 -31.20 -10.28 -18.75
C CYS C 11 -30.44 -8.98 -18.53
N TYR C 12 -30.89 -7.95 -19.25
CA TYR C 12 -30.35 -6.61 -19.15
C TYR C 12 -31.42 -5.66 -19.68
N ASP C 13 -31.51 -4.47 -19.08
CA ASP C 13 -32.48 -3.47 -19.51
C ASP C 13 -31.78 -2.55 -20.49
N ASP C 14 -32.53 -2.05 -21.47
CA ASP C 14 -31.94 -1.15 -22.46
C ASP C 14 -31.49 0.16 -21.82
N ASP C 15 -32.07 0.51 -20.68
CA ASP C 15 -31.67 1.75 -20.01
C ASP C 15 -30.75 1.50 -18.82
N ASP C 16 -29.94 0.45 -18.94
CA ASP C 16 -28.97 0.09 -17.90
C ASP C 16 -27.59 0.39 -18.49
N TYR C 17 -26.90 1.37 -17.90
CA TYR C 17 -25.56 1.75 -18.37
C TYR C 17 -24.56 1.57 -17.23
N GLU C 18 -25.05 0.98 -16.14
CA GLU C 18 -24.24 0.73 -14.96
C GLU C 18 -23.27 -0.41 -15.25
N SER C 19 -23.72 -1.41 -16.00
CA SER C 19 -22.89 -2.56 -16.35
C SER C 19 -22.15 -2.36 -17.67
N LYS C 20 -20.96 -2.93 -17.74
CA LYS C 20 -20.12 -2.84 -18.94
C LYS C 20 -20.48 -3.92 -19.93
N MET C 21 -20.93 -3.51 -21.11
CA MET C 21 -21.32 -4.46 -22.14
C MET C 21 -20.96 -3.91 -23.51
N MET C 22 -20.82 -4.80 -24.49
CA MET C 22 -20.50 -4.41 -25.85
C MET C 22 -21.69 -4.82 -26.72
N GLN C 23 -22.06 -3.96 -27.66
CA GLN C 23 -23.18 -4.27 -28.55
C GLN C 23 -22.67 -4.86 -29.86
N CYS C 24 -23.07 -6.11 -30.13
CA CYS C 24 -22.66 -6.77 -31.35
C CYS C 24 -23.18 -5.98 -32.56
N GLY C 25 -22.26 -5.57 -33.43
CA GLY C 25 -22.65 -4.80 -34.59
C GLY C 25 -23.54 -5.52 -35.59
N LYS C 26 -23.62 -6.85 -35.48
CA LYS C 26 -24.45 -7.62 -36.39
C LYS C 26 -25.91 -7.72 -35.93
N CYS C 27 -26.12 -8.20 -34.70
CA CYS C 27 -27.48 -8.35 -34.17
C CYS C 27 -27.85 -7.33 -33.09
N ASP C 28 -26.95 -6.39 -32.83
CA ASP C 28 -27.20 -5.34 -31.84
C ASP C 28 -27.50 -5.85 -30.43
N ARG C 29 -27.31 -7.15 -30.20
CA ARG C 29 -27.53 -7.74 -28.87
C ARG C 29 -26.35 -7.28 -28.00
N TRP C 30 -26.59 -7.08 -26.70
CA TRP C 30 -25.52 -6.67 -25.80
C TRP C 30 -24.90 -7.89 -25.10
N VAL C 31 -23.60 -7.82 -24.88
CA VAL C 31 -22.86 -8.91 -24.23
C VAL C 31 -22.00 -8.34 -23.10
N HIS C 32 -21.98 -9.02 -21.95
CA HIS C 32 -21.20 -8.55 -20.82
C HIS C 32 -19.70 -8.63 -21.09
N SER C 33 -18.97 -7.61 -20.66
CA SER C 33 -17.53 -7.59 -20.85
C SER C 33 -16.90 -8.73 -20.03
N LYS C 34 -17.42 -8.97 -18.83
CA LYS C 34 -16.88 -10.04 -18.01
C LYS C 34 -17.14 -11.40 -18.62
N CYS C 35 -18.21 -11.52 -19.41
CA CYS C 35 -18.51 -12.78 -20.06
C CYS C 35 -17.52 -13.10 -21.17
N GLU C 36 -16.88 -12.05 -21.68
CA GLU C 36 -15.85 -12.22 -22.72
C GLU C 36 -14.50 -12.13 -21.99
N ASN C 37 -14.56 -12.24 -20.67
CA ASN C 37 -13.38 -12.17 -19.81
C ASN C 37 -12.47 -10.98 -20.11
N LEU C 38 -13.07 -9.80 -20.20
CA LEU C 38 -12.33 -8.56 -20.48
C LEU C 38 -12.18 -7.73 -19.22
N SER C 39 -10.96 -7.35 -18.88
CA SER C 39 -10.74 -6.52 -17.72
C SER C 39 -11.38 -5.18 -18.05
N ASP C 40 -11.56 -4.31 -17.08
CA ASP C 40 -12.15 -3.02 -17.37
C ASP C 40 -11.22 -2.21 -18.27
N GLU C 41 -9.92 -2.46 -18.16
CA GLU C 41 -8.94 -1.76 -18.99
C GLU C 41 -9.18 -2.12 -20.46
N MET C 42 -9.33 -3.41 -20.73
CA MET C 42 -9.56 -3.87 -22.10
C MET C 42 -10.90 -3.32 -22.60
N TYR C 43 -11.87 -3.21 -21.68
CA TYR C 43 -13.18 -2.67 -22.03
C TYR C 43 -13.00 -1.21 -22.44
N GLU C 44 -12.18 -0.48 -21.68
CA GLU C 44 -11.91 0.92 -21.97
C GLU C 44 -11.23 1.04 -23.34
N ILE C 45 -10.18 0.25 -23.54
CA ILE C 45 -9.44 0.26 -24.80
C ILE C 45 -10.37 -0.09 -25.95
N LEU C 46 -11.22 -1.08 -25.74
CA LEU C 46 -12.17 -1.51 -26.75
C LEU C 46 -13.10 -0.36 -27.13
N SER C 47 -13.49 0.43 -26.12
CA SER C 47 -14.38 1.56 -26.32
C SER C 47 -13.78 2.66 -27.20
N ASN C 48 -12.53 2.48 -27.63
CA ASN C 48 -11.88 3.50 -28.46
C ASN C 48 -11.31 3.01 -29.79
N LEU C 49 -11.58 1.75 -30.14
CA LEU C 49 -11.09 1.20 -31.40
C LEU C 49 -11.83 1.82 -32.59
N PRO C 50 -11.40 1.49 -33.83
CA PRO C 50 -12.05 2.02 -35.03
C PRO C 50 -13.37 1.34 -35.36
N GLU C 51 -14.33 2.11 -35.87
CA GLU C 51 -15.64 1.56 -36.21
C GLU C 51 -15.51 0.34 -37.11
N SER C 52 -14.46 0.31 -37.92
CA SER C 52 -14.24 -0.83 -38.80
C SER C 52 -14.14 -2.09 -37.96
N VAL C 53 -13.73 -1.93 -36.70
CA VAL C 53 -13.66 -3.06 -35.80
C VAL C 53 -14.88 -2.99 -34.88
N ALA C 54 -15.83 -3.87 -35.17
CA ALA C 54 -17.06 -3.91 -34.39
C ALA C 54 -17.07 -5.18 -33.57
N TYR C 55 -17.56 -5.08 -32.34
CA TYR C 55 -17.65 -6.27 -31.51
C TYR C 55 -18.72 -7.12 -32.15
N THR C 56 -18.47 -8.42 -32.21
CA THR C 56 -19.44 -9.34 -32.77
C THR C 56 -19.69 -10.43 -31.72
N CYS C 57 -20.95 -10.62 -31.35
CA CYS C 57 -21.28 -11.64 -30.36
C CYS C 57 -20.87 -12.96 -30.97
N VAL C 58 -21.07 -14.06 -30.25
CA VAL C 58 -20.65 -15.35 -30.78
C VAL C 58 -21.72 -16.04 -31.65
N ASN C 59 -22.83 -15.35 -31.89
CA ASN C 59 -23.87 -15.91 -32.75
C ASN C 59 -23.74 -15.29 -34.14
N CYS C 60 -22.88 -14.30 -34.26
CA CYS C 60 -22.65 -13.62 -35.53
C CYS C 60 -21.18 -13.65 -35.93
N THR C 61 -20.32 -14.07 -35.00
CA THR C 61 -18.89 -14.13 -35.25
C THR C 61 -18.51 -15.20 -36.27
N GLU C 62 -18.00 -14.75 -37.42
CA GLU C 62 -17.61 -15.65 -38.50
C GLU C 62 -16.16 -16.09 -38.41
N ARG C 63 -15.24 -15.13 -38.26
CA ARG C 63 -13.82 -15.44 -38.18
C ARG C 63 -13.39 -16.02 -36.84
N HIS C 64 -12.28 -16.74 -36.84
CA HIS C 64 -11.75 -17.36 -35.62
C HIS C 64 -10.22 -17.39 -35.58
N PRO C 65 -9.61 -16.76 -34.56
CA PRO C 65 -10.28 -16.02 -33.48
C PRO C 65 -11.07 -14.84 -34.01
N ALA C 66 -12.02 -14.34 -33.22
CA ALA C 66 -12.82 -13.19 -33.63
C ALA C 66 -11.91 -12.00 -33.93
N GLU C 67 -12.25 -11.27 -34.98
CA GLU C 67 -11.47 -10.11 -35.40
C GLU C 67 -11.39 -9.04 -34.33
N TRP C 68 -12.50 -8.80 -33.64
CA TRP C 68 -12.49 -7.76 -32.62
C TRP C 68 -11.47 -8.09 -31.54
N ARG C 69 -11.37 -9.38 -31.23
CA ARG C 69 -10.45 -9.89 -30.22
C ARG C 69 -8.99 -9.67 -30.61
N LEU C 70 -8.64 -10.07 -31.81
CA LEU C 70 -7.28 -9.91 -32.32
C LEU C 70 -6.91 -8.43 -32.45
N ALA C 71 -7.89 -7.61 -32.84
CA ALA C 71 -7.64 -6.19 -33.01
C ALA C 71 -7.41 -5.53 -31.65
N LEU C 72 -8.17 -5.95 -30.65
CA LEU C 72 -8.04 -5.42 -29.30
C LEU C 72 -6.68 -5.78 -28.70
N GLU C 73 -6.30 -7.04 -28.82
CA GLU C 73 -5.01 -7.49 -28.31
C GLU C 73 -3.91 -6.69 -28.99
N LYS C 74 -4.02 -6.52 -30.30
CA LYS C 74 -3.05 -5.78 -31.10
C LYS C 74 -3.01 -4.31 -30.67
N GLU C 75 -4.18 -3.74 -30.44
CA GLU C 75 -4.28 -2.34 -30.04
C GLU C 75 -3.54 -2.08 -28.75
N LEU C 76 -3.67 -2.98 -27.77
CA LEU C 76 -2.97 -2.80 -26.50
C LEU C 76 -1.46 -2.72 -26.73
N GLN C 77 -0.91 -3.70 -27.44
CA GLN C 77 0.53 -3.73 -27.69
C GLN C 77 1.03 -2.53 -28.49
N ILE C 78 0.27 -2.13 -29.51
CA ILE C 78 0.63 -0.98 -30.33
C ILE C 78 0.65 0.28 -29.47
N SER C 79 -0.33 0.40 -28.58
CA SER C 79 -0.44 1.55 -27.70
C SER C 79 0.71 1.61 -26.71
N LEU C 80 1.02 0.48 -26.09
CA LEU C 80 2.14 0.42 -25.13
C LEU C 80 3.42 0.81 -25.87
N LYS C 81 3.57 0.28 -27.09
CA LYS C 81 4.76 0.56 -27.88
C LYS C 81 4.89 2.05 -28.20
N GLN C 82 3.78 2.70 -28.52
CA GLN C 82 3.83 4.13 -28.83
C GLN C 82 4.36 4.90 -27.62
N VAL C 83 3.87 4.55 -26.45
CA VAL C 83 4.32 5.22 -25.23
C VAL C 83 5.80 4.94 -24.95
N LEU C 84 6.18 3.67 -25.03
CA LEU C 84 7.56 3.30 -24.75
C LEU C 84 8.52 3.91 -25.77
N THR C 85 8.13 3.93 -27.05
CA THR C 85 9.00 4.51 -28.07
C THR C 85 9.34 5.97 -27.73
N ALA C 86 8.33 6.73 -27.34
CA ALA C 86 8.54 8.13 -26.99
C ALA C 86 9.53 8.22 -25.84
N LEU C 87 9.38 7.33 -24.86
CA LEU C 87 10.28 7.33 -23.71
C LEU C 87 11.69 6.94 -24.11
N LEU C 88 11.82 5.91 -24.93
CA LEU C 88 13.14 5.44 -25.35
C LEU C 88 13.94 6.46 -26.17
N ASN C 89 13.25 7.33 -26.88
CA ASN C 89 13.91 8.33 -27.72
C ASN C 89 14.06 9.72 -27.11
N SER C 90 13.48 9.94 -25.93
CA SER C 90 13.53 11.24 -25.28
C SER C 90 14.78 11.47 -24.42
N ARG C 91 15.29 12.70 -24.45
CA ARG C 91 16.46 13.05 -23.66
C ARG C 91 16.13 12.96 -22.18
N THR C 92 14.88 13.27 -21.83
CA THR C 92 14.43 13.26 -20.44
C THR C 92 14.48 11.87 -19.81
N THR C 93 14.67 10.85 -20.65
CA THR C 93 14.68 9.47 -20.21
C THR C 93 16.03 8.76 -20.37
N SER C 94 16.97 9.44 -21.00
CA SER C 94 18.30 8.91 -21.26
C SER C 94 18.94 8.13 -20.11
N HIS C 95 18.86 8.66 -18.90
CA HIS C 95 19.46 8.01 -17.74
C HIS C 95 18.64 6.85 -17.17
N LEU C 96 17.50 6.56 -17.79
CA LEU C 96 16.62 5.48 -17.34
C LEU C 96 16.71 4.23 -18.20
N LEU C 97 17.51 4.29 -19.26
CA LEU C 97 17.65 3.16 -20.18
C LEU C 97 18.33 1.93 -19.56
N ARG C 98 19.40 2.15 -18.82
CA ARG C 98 20.14 1.04 -18.21
C ARG C 98 20.44 1.27 -16.73
N TYR C 99 20.02 0.33 -15.89
CA TYR C 99 20.23 0.41 -14.44
C TYR C 99 21.72 0.27 -14.13
N GLN C 102 11.76 -10.50 -14.17
CA GLN C 102 10.35 -10.37 -13.83
C GLN C 102 9.98 -8.91 -13.61
N GLN C 103 10.82 -8.19 -12.87
CA GLN C 103 10.57 -6.78 -12.59
C GLN C 103 11.65 -5.91 -13.24
N PRO C 104 11.28 -5.16 -14.29
CA PRO C 104 12.23 -4.29 -14.99
C PRO C 104 12.77 -3.18 -14.09
N LEU C 105 14.08 -2.98 -14.13
CA LEU C 105 14.71 -1.94 -13.33
C LEU C 105 15.10 -0.75 -14.21
N ASP C 106 14.87 -0.88 -15.52
CA ASP C 106 15.16 0.17 -16.48
C ASP C 106 14.26 0.05 -17.70
N LEU C 107 14.29 1.05 -18.58
CA LEU C 107 13.43 1.01 -19.77
C LEU C 107 13.80 -0.08 -20.78
N GLU C 108 15.07 -0.47 -20.82
CA GLU C 108 15.47 -1.55 -21.73
C GLU C 108 14.78 -2.81 -21.21
N GLY C 109 14.68 -2.93 -19.90
CA GLY C 109 14.01 -4.08 -19.29
C GLY C 109 12.53 -4.07 -19.61
N VAL C 110 11.94 -2.88 -19.62
CA VAL C 110 10.52 -2.72 -19.93
C VAL C 110 10.29 -3.14 -21.38
N LYS C 111 11.18 -2.70 -22.27
CA LYS C 111 11.07 -3.06 -23.68
C LYS C 111 11.16 -4.57 -23.84
N ARG C 112 12.07 -5.19 -23.11
CA ARG C 112 12.26 -6.63 -23.18
C ARG C 112 10.98 -7.34 -22.75
N LYS C 113 10.42 -6.92 -21.62
CA LYS C 113 9.20 -7.50 -21.09
C LYS C 113 8.05 -7.30 -22.07
N MET C 114 8.00 -6.12 -22.69
CA MET C 114 6.94 -5.84 -23.65
C MET C 114 7.04 -6.71 -24.89
N ASP C 115 8.23 -6.83 -25.45
CA ASP C 115 8.37 -7.64 -26.66
C ASP C 115 8.33 -9.15 -26.42
N GLN C 116 8.38 -9.57 -25.16
CA GLN C 116 8.25 -10.99 -24.81
C GLN C 116 6.75 -11.26 -24.86
N GLY C 117 5.97 -10.18 -24.88
CA GLY C 117 4.52 -10.30 -24.90
C GLY C 117 4.01 -10.44 -23.48
N ASN C 118 4.80 -10.00 -22.52
CA ASN C 118 4.42 -10.12 -21.11
C ASN C 118 3.62 -8.98 -20.45
N TYR C 119 3.20 -7.98 -21.23
CA TYR C 119 2.37 -6.90 -20.69
C TYR C 119 0.95 -7.14 -21.18
N THR C 120 0.06 -7.49 -20.26
CA THR C 120 -1.33 -7.73 -20.61
C THR C 120 -2.23 -6.68 -20.00
N SER C 121 -1.64 -5.66 -19.37
CA SER C 121 -2.42 -4.60 -18.75
C SER C 121 -1.68 -3.27 -18.79
N VAL C 122 -2.44 -2.19 -18.88
CA VAL C 122 -1.84 -0.86 -18.90
C VAL C 122 -1.27 -0.59 -17.50
N LEU C 123 -2.00 -1.00 -16.48
CA LEU C 123 -1.59 -0.79 -15.09
C LEU C 123 -0.20 -1.31 -14.77
N GLU C 124 0.11 -2.54 -15.16
CA GLU C 124 1.42 -3.12 -14.88
C GLU C 124 2.53 -2.40 -15.64
N PHE C 125 2.22 -2.01 -16.87
CA PHE C 125 3.17 -1.28 -17.72
C PHE C 125 3.47 0.07 -17.06
N SER C 126 2.41 0.80 -16.73
CA SER C 126 2.55 2.11 -16.10
C SER C 126 3.30 2.02 -14.77
N ASP C 127 2.86 1.13 -13.88
CA ASP C 127 3.50 0.95 -12.58
C ASP C 127 4.97 0.60 -12.70
N ASP C 128 5.33 -0.25 -13.67
CA ASP C 128 6.73 -0.60 -13.85
C ASP C 128 7.54 0.67 -14.17
N ILE C 129 6.99 1.51 -15.04
CA ILE C 129 7.68 2.74 -15.45
C ILE C 129 7.68 3.79 -14.32
N VAL C 130 6.57 3.91 -13.60
CA VAL C 130 6.50 4.85 -12.49
C VAL C 130 7.61 4.51 -11.48
N LYS C 131 7.75 3.22 -11.15
CA LYS C 131 8.78 2.79 -10.21
C LYS C 131 10.18 3.19 -10.68
N ILE C 132 10.44 2.97 -11.96
CA ILE C 132 11.73 3.31 -12.54
C ILE C 132 11.98 4.84 -12.45
N ILE C 133 10.98 5.64 -12.82
CA ILE C 133 11.12 7.10 -12.80
C ILE C 133 11.32 7.66 -11.40
N GLN C 134 10.44 7.27 -10.47
CA GLN C 134 10.53 7.76 -9.10
C GLN C 134 11.84 7.34 -8.45
N ALA C 135 12.30 6.13 -8.78
CA ALA C 135 13.55 5.65 -8.20
C ALA C 135 14.71 6.54 -8.67
N ALA C 136 14.69 6.92 -9.95
CA ALA C 136 15.74 7.76 -10.50
C ALA C 136 15.68 9.16 -9.87
N ILE C 137 14.49 9.73 -9.81
CA ILE C 137 14.33 11.04 -9.19
C ILE C 137 14.88 11.03 -7.78
N ASN C 138 14.50 10.00 -7.00
CA ASN C 138 14.96 9.89 -5.63
C ASN C 138 16.46 9.68 -5.53
N SER C 139 17.07 9.10 -6.56
CA SER C 139 18.52 8.89 -6.55
C SER C 139 19.20 10.24 -6.75
N ASP C 140 18.47 11.16 -7.39
CA ASP C 140 18.94 12.52 -7.63
C ASP C 140 20.40 12.67 -8.07
N GLY C 141 20.69 12.21 -9.29
CA GLY C 141 22.04 12.31 -9.81
C GLY C 141 22.53 13.76 -9.87
N GLY C 142 23.83 13.95 -9.71
CA GLY C 142 24.40 15.29 -9.72
C GLY C 142 24.69 15.88 -11.09
N GLN C 143 24.83 15.03 -12.10
CA GLN C 143 25.10 15.52 -13.46
C GLN C 143 24.08 16.55 -13.90
N PRO C 144 24.53 17.64 -14.52
CA PRO C 144 23.65 18.71 -15.00
C PRO C 144 22.49 18.22 -15.85
N GLU C 145 22.78 17.33 -16.80
CA GLU C 145 21.72 16.81 -17.67
C GLU C 145 20.73 15.92 -16.92
N ILE C 146 21.21 15.27 -15.85
CA ILE C 146 20.34 14.42 -15.06
C ILE C 146 19.46 15.31 -14.18
N LYS C 147 20.03 16.39 -13.65
CA LYS C 147 19.27 17.33 -12.83
C LYS C 147 18.10 17.89 -13.64
N LYS C 148 18.35 18.15 -14.92
CA LYS C 148 17.31 18.69 -15.79
C LYS C 148 16.33 17.59 -16.19
N ALA C 149 16.86 16.42 -16.54
CA ALA C 149 16.00 15.30 -16.95
C ALA C 149 15.03 14.92 -15.84
N ASN C 150 15.54 14.75 -14.61
CA ASN C 150 14.70 14.40 -13.47
C ASN C 150 13.63 15.44 -13.18
N SER C 151 13.86 16.67 -13.63
CA SER C 151 12.88 17.72 -13.40
C SER C 151 11.74 17.61 -14.40
N MET C 152 12.02 17.05 -15.58
CA MET C 152 11.02 16.93 -16.63
C MET C 152 10.40 15.55 -16.85
N VAL C 153 11.07 14.49 -16.42
CA VAL C 153 10.57 13.12 -16.64
C VAL C 153 9.13 12.80 -16.32
N LYS C 154 8.72 13.08 -15.09
CA LYS C 154 7.35 12.77 -14.68
C LYS C 154 6.30 13.38 -15.58
N SER C 155 6.39 14.69 -15.82
CA SER C 155 5.42 15.36 -16.67
C SER C 155 5.44 14.75 -18.07
N PHE C 156 6.64 14.49 -18.58
CA PHE C 156 6.79 13.90 -19.91
C PHE C 156 6.04 12.56 -20.02
N PHE C 157 6.28 11.67 -19.06
CA PHE C 157 5.61 10.36 -19.08
C PHE C 157 4.11 10.53 -18.98
N ILE C 158 3.66 11.38 -18.06
CA ILE C 158 2.23 11.60 -17.90
C ILE C 158 1.62 12.10 -19.21
N ARG C 159 2.28 13.04 -19.87
CA ARG C 159 1.75 13.54 -21.13
C ARG C 159 1.60 12.44 -22.17
N GLN C 160 2.63 11.61 -22.33
CA GLN C 160 2.57 10.52 -23.31
C GLN C 160 1.44 9.54 -22.98
N MET C 161 1.26 9.23 -21.70
CA MET C 161 0.21 8.32 -21.29
C MET C 161 -1.20 8.86 -21.48
N GLU C 162 -1.42 10.16 -21.25
CA GLU C 162 -2.76 10.69 -21.42
C GLU C 162 -3.16 10.69 -22.89
N ARG C 163 -2.19 10.92 -23.77
CA ARG C 163 -2.44 10.93 -25.20
C ARG C 163 -2.92 9.57 -25.70
N VAL C 164 -2.29 8.51 -25.22
CA VAL C 164 -2.62 7.16 -25.64
C VAL C 164 -3.70 6.50 -24.80
N PHE C 165 -3.67 6.75 -23.49
CA PHE C 165 -4.65 6.19 -22.56
C PHE C 165 -5.27 7.31 -21.72
N PRO C 166 -6.04 8.20 -22.36
CA PRO C 166 -6.69 9.32 -21.66
C PRO C 166 -7.57 8.90 -20.48
N TRP C 167 -8.11 7.70 -20.54
CA TRP C 167 -8.97 7.15 -19.50
C TRP C 167 -8.21 6.62 -18.29
N PHE C 168 -6.90 6.45 -18.44
CA PHE C 168 -6.06 5.91 -17.38
C PHE C 168 -5.40 7.03 -16.58
N SER C 169 -5.31 6.84 -15.27
CA SER C 169 -4.69 7.84 -14.41
C SER C 169 -3.32 7.42 -13.89
N VAL C 170 -2.27 8.02 -14.44
CA VAL C 170 -0.91 7.74 -14.02
C VAL C 170 -0.57 8.47 -12.72
N LYS C 171 -1.08 9.69 -12.59
CA LYS C 171 -0.82 10.50 -11.40
C LYS C 171 -1.16 9.79 -10.09
N LYS C 172 -2.21 8.96 -10.12
CA LYS C 172 -2.66 8.24 -8.94
C LYS C 172 -1.87 6.99 -8.58
N SER C 173 -0.87 6.63 -9.38
CA SER C 173 -0.08 5.44 -9.11
C SER C 173 0.42 5.36 -7.67
N ARG C 174 0.30 4.16 -7.08
CA ARG C 174 0.75 3.92 -5.71
C ARG C 174 2.23 4.19 -5.58
N PHE C 175 2.92 4.15 -6.72
CA PHE C 175 4.36 4.29 -6.73
C PHE C 175 5.03 5.66 -6.85
N TRP C 176 4.24 6.72 -6.95
CA TRP C 176 4.79 8.08 -6.97
C TRP C 176 5.01 8.41 -5.49
N GLU C 177 6.14 9.04 -5.19
CA GLU C 177 6.52 9.37 -3.82
C GLU C 177 5.40 9.94 -2.93
N PRO C 178 4.65 10.95 -3.43
CA PRO C 178 3.57 11.51 -2.61
C PRO C 178 2.39 10.57 -2.35
N ASN C 179 2.33 9.47 -3.11
CA ASN C 179 1.25 8.50 -2.98
C ASN C 179 1.65 7.27 -2.17
N LYS C 180 2.92 7.17 -1.80
CA LYS C 180 3.42 6.01 -1.07
C LYS C 180 2.94 5.87 0.36
N VAL C 181 3.07 4.66 0.88
CA VAL C 181 2.69 4.34 2.25
C VAL C 181 3.92 4.65 3.11
N SER C 182 3.72 5.27 4.27
CA SER C 182 4.84 5.59 5.15
C SER C 182 4.59 5.03 6.54
N SER C 183 3.48 4.31 6.68
CA SER C 183 3.10 3.72 7.95
C SER C 183 3.66 2.30 8.08
N ALA D 1 -4.99 -10.01 27.05
CA ALA D 1 -4.12 -10.81 26.15
C ALA D 1 -2.68 -10.72 26.64
N ARG D 2 -2.05 -11.87 26.84
CA ARG D 2 -0.68 -11.91 27.34
C ARG D 2 0.35 -11.81 26.22
N THR D 3 1.27 -10.85 26.34
CA THR D 3 2.32 -10.68 25.36
C THR D 3 3.65 -10.64 26.11
N MLY D 4 4.75 -10.57 25.39
CA MLY D 4 6.07 -10.52 26.01
CB MLY D 4 7.16 -10.63 24.95
CG MLY D 4 7.29 -12.02 24.33
CD MLY D 4 7.86 -13.02 25.33
CE MLY D 4 8.02 -14.40 24.71
NZ MLY D 4 8.93 -15.29 25.47
CH1 MLY D 4 9.04 -16.56 24.77
CH2 MLY D 4 8.57 -15.53 26.87
C MLY D 4 6.23 -9.20 26.77
O MLY D 4 7.09 -9.07 27.64
N GLN D 5 5.39 -8.24 26.44
CA GLN D 5 5.43 -6.93 27.06
C GLN D 5 4.57 -6.92 28.33
N THR D 6 3.52 -7.73 28.33
CA THR D 6 2.63 -7.83 29.48
C THR D 6 3.41 -8.21 30.72
N ALA E 1 -4.01 -12.45 -4.87
CA ALA E 1 -5.06 -11.87 -3.99
C ALA E 1 -5.62 -10.59 -4.60
N ARG E 2 -6.93 -10.56 -4.77
CA ARG E 2 -7.61 -9.42 -5.36
C ARG E 2 -7.92 -8.32 -4.35
N THR E 3 -7.47 -7.10 -4.63
CA THR E 3 -7.72 -5.95 -3.77
C THR E 3 -8.27 -4.81 -4.63
N MLY E 4 -8.63 -3.70 -4.00
CA MLY E 4 -9.14 -2.55 -4.75
CB MLY E 4 -9.67 -1.49 -3.80
CG MLY E 4 -10.93 -1.86 -3.04
CD MLY E 4 -12.18 -1.71 -3.89
CE MLY E 4 -13.43 -2.02 -3.09
NZ MLY E 4 -14.68 -1.64 -3.78
CH1 MLY E 4 -15.78 -2.03 -2.86
CH2 MLY E 4 -14.88 -2.27 -5.10
C MLY E 4 -8.06 -1.94 -5.64
O MLY E 4 -8.36 -1.28 -6.63
N GLN E 5 -6.81 -2.18 -5.29
CA GLN E 5 -5.68 -1.67 -6.07
C GLN E 5 -5.44 -2.57 -7.30
N THR E 6 -5.75 -3.85 -7.14
CA THR E 6 -5.65 -4.86 -8.24
C THR E 6 -6.68 -4.27 -9.22
N ALA E 7 -6.34 -4.14 -10.51
CA ALA E 7 -7.27 -3.57 -11.50
C ALA E 7 -7.63 -4.30 -12.80
N ALA F 1 -15.82 -0.19 -32.11
CA ALA F 1 -16.75 -1.02 -31.31
C ALA F 1 -17.70 -0.15 -30.50
N ARG F 2 -18.87 -0.70 -30.15
CA ARG F 2 -19.85 0.04 -29.38
C ARG F 2 -20.01 -0.55 -27.98
N THR F 3 -19.99 0.32 -26.98
CA THR F 3 -20.12 -0.10 -25.59
C THR F 3 -21.05 0.83 -24.81
N MLY F 4 -21.37 0.43 -23.60
CA MLY F 4 -22.25 1.22 -22.74
CB MLY F 4 -22.53 0.48 -21.44
CG MLY F 4 -23.43 -0.75 -21.58
CD MLY F 4 -24.87 -0.35 -21.91
CE MLY F 4 -25.78 -1.56 -21.99
NZ MLY F 4 -27.21 -1.22 -21.95
CH1 MLY F 4 -27.73 -0.32 -22.98
CH2 MLY F 4 -27.98 -2.48 -21.95
C MLY F 4 -21.66 2.60 -22.45
O MLY F 4 -22.38 3.53 -22.09
N GLN F 5 -20.34 2.72 -22.61
CA GLN F 5 -19.68 4.01 -22.37
C GLN F 5 -19.76 4.93 -23.57
N THR F 6 -19.67 4.36 -24.77
CA THR F 6 -19.72 5.14 -25.99
C THR F 6 -21.14 5.35 -26.50
N ALA F 7 -22.00 4.38 -26.24
CA ALA F 7 -23.39 4.45 -26.66
C ALA F 7 -24.09 5.72 -26.16
N ARG F 8 -23.56 6.29 -25.09
CA ARG F 8 -24.17 7.48 -24.53
C ARG F 8 -23.26 8.22 -23.54
N LYS F 9 -23.42 9.54 -23.50
CA LYS F 9 -22.70 10.48 -22.62
C LYS F 9 -22.25 11.72 -23.38
ZN ZN G . 6.19 -17.69 14.60
ZN ZN H . -3.12 -22.49 21.62
ZN ZN I . -15.47 -4.43 7.21
ZN ZN J . -16.07 -15.40 1.14
ZN ZN K . -23.29 -12.19 -19.95
ZN ZN L . -24.57 -10.99 -32.52
#